data_8BWU
#
_entry.id   8BWU
#
_cell.length_a   109.309
_cell.length_b   109.309
_cell.length_c   48.651
_cell.angle_alpha   90.000
_cell.angle_beta   90.000
_cell.angle_gamma   120.000
#
_symmetry.space_group_name_H-M   'P 65'
#
loop_
_entity.id
_entity.type
_entity.pdbx_description
1 polymer 'Transcription factor ETV6,Proofreading exoribonuclease nsp14'
2 non-polymer '(2~{S})-2-azanyl-4-[[(2~{S},3~{S},4~{R},5~{R})-5-(4-azanyl-5-cyano-pyrrolo[2,3-d]pyrimidin-7-yl)-3,4-bis(oxidanyl)oxolan-2-yl]methylsulfanyl]butanoic acid'
3 non-polymer 'ZINC ION'
4 water water
#
_entity_poly.entity_id   1
_entity_poly.type   'polypeptide(L)'
_entity_poly.pdbx_seq_one_letter_code
;SIRLPAHLRLQPIYWSRDDVAQWLKWAENEFSLRPIDSNTFEMNGKALLLLTKEDFRYRSPHSGDELYELLQHILKQPAA
GDELKINAACRKVQHMVVKAALLADKFPVLHDIGNPKAIKCVPQADVEWKFYDAQPCSDKAYKIEELFYSYATHSDKFTD
GVCLFWNCNVDRYPANSIVCRFDTRVLSNLNLPGCDGGSLYVNKHAFHTPAFDKSAFVNLKQLPFFYYSDSPCESHGKQV
VSDIDYVPLKSATCITRCNLGGAVCRHHANEYRLYLDAYNMMISAGFSLWVYKQFDTYNLWNTFTRLQ
;
_entity_poly.pdbx_strand_id   A
#
loop_
_chem_comp.id
_chem_comp.type
_chem_comp.name
_chem_comp.formula
6NR non-polymer '(2~{S})-2-azanyl-4-[[(2~{S},3~{S},4~{R},5~{R})-5-(4-azanyl-5-cyano-pyrrolo[2,3-d]pyrimidin-7-yl)-3,4-bis(oxidanyl)oxolan-2-yl]methylsulfanyl]butanoic acid' 'C16 H20 N6 O5 S'
ZN non-polymer 'ZINC ION' 'Zn 2'
#
# COMPACT_ATOMS: atom_id res chain seq x y z
N ARG A 3 -2.09 24.78 -4.79
CA ARG A 3 -1.16 23.97 -5.58
C ARG A 3 -0.62 22.80 -4.77
N LEU A 4 0.46 22.17 -5.26
CA LEU A 4 1.04 21.02 -4.58
C LEU A 4 2.45 20.80 -5.11
N PRO A 5 3.39 20.39 -4.28
CA PRO A 5 4.79 20.24 -4.71
C PRO A 5 5.19 18.86 -5.19
N ALA A 6 4.25 17.93 -5.32
CA ALA A 6 4.45 16.60 -5.89
C ALA A 6 5.23 15.65 -4.98
N HIS A 7 5.76 16.16 -3.87
CA HIS A 7 6.32 15.29 -2.83
C HIS A 7 5.59 15.46 -1.50
N LEU A 8 4.46 16.17 -1.50
CA LEU A 8 3.58 16.30 -0.34
C LEU A 8 2.16 15.89 -0.70
N ARG A 9 2.01 15.03 -1.71
CA ARG A 9 0.68 14.72 -2.24
C ARG A 9 -0.13 13.86 -1.29
N LEU A 10 0.52 13.03 -0.48
CA LEU A 10 -0.21 12.23 0.49
C LEU A 10 -0.80 13.12 1.57
N GLN A 11 -1.75 12.56 2.31
CA GLN A 11 -2.37 13.31 3.41
C GLN A 11 -1.30 13.62 4.46
N PRO A 12 -1.43 14.77 5.15
CA PRO A 12 -0.38 15.16 6.11
C PRO A 12 -0.15 14.16 7.22
N ILE A 13 -1.12 13.29 7.51
CA ILE A 13 -0.94 12.27 8.53
C ILE A 13 0.18 11.31 8.15
N TYR A 14 0.44 11.14 6.86
CA TYR A 14 1.51 10.28 6.37
C TYR A 14 2.86 11.00 6.26
N TRP A 15 2.90 12.29 6.54
CA TRP A 15 4.14 13.05 6.38
C TRP A 15 5.18 12.60 7.40
N SER A 16 6.44 12.56 6.97
CA SER A 16 7.55 12.30 7.86
C SER A 16 8.09 13.63 8.40
N ARG A 17 9.15 13.55 9.20
CA ARG A 17 9.76 14.78 9.72
C ARG A 17 10.38 15.60 8.60
N ASP A 18 11.03 14.93 7.64
CA ASP A 18 11.59 15.65 6.50
C ASP A 18 10.51 16.20 5.59
N ASP A 19 9.36 15.53 5.51
CA ASP A 19 8.25 16.05 4.71
C ASP A 19 7.73 17.36 5.28
N VAL A 20 7.70 17.49 6.61
CA VAL A 20 7.28 18.73 7.24
C VAL A 20 8.26 19.85 6.90
N ALA A 21 9.56 19.55 6.90
CA ALA A 21 10.55 20.55 6.56
C ALA A 21 10.38 21.04 5.13
N GLN A 22 10.06 20.13 4.20
CA GLN A 22 9.78 20.54 2.84
C GLN A 22 8.53 21.40 2.77
N TRP A 23 7.54 21.10 3.61
CA TRP A 23 6.32 21.91 3.67
C TRP A 23 6.63 23.34 4.11
N LEU A 24 7.48 23.50 5.12
CA LEU A 24 7.87 24.82 5.56
C LEU A 24 8.65 25.55 4.47
N LYS A 25 9.55 24.84 3.78
CA LYS A 25 10.34 25.47 2.72
C LYS A 25 9.48 25.79 1.51
N TRP A 26 8.51 24.93 1.18
CA TRP A 26 7.61 25.22 0.08
C TRP A 26 6.74 26.44 0.38
N ALA A 27 6.17 26.49 1.59
CA ALA A 27 5.34 27.63 1.96
C ALA A 27 6.15 28.92 2.10
N GLU A 28 7.47 28.81 2.30
CA GLU A 28 8.29 30.01 2.43
C GLU A 28 8.35 30.78 1.12
N ASN A 29 8.36 30.08 -0.01
CA ASN A 29 8.42 30.72 -1.32
C ASN A 29 7.03 30.95 -1.92
N GLU A 30 6.12 30.00 -1.75
CA GLU A 30 4.78 30.14 -2.33
C GLU A 30 4.05 31.34 -1.76
N PHE A 31 4.29 31.68 -0.50
CA PHE A 31 3.61 32.78 0.16
C PHE A 31 4.55 33.89 0.59
N SER A 32 5.81 33.84 0.17
CA SER A 32 6.80 34.87 0.49
C SER A 32 6.91 35.09 2.00
N LEU A 33 6.85 34.00 2.75
CA LEU A 33 6.97 34.08 4.20
C LEU A 33 8.41 34.38 4.61
N ARG A 34 8.57 34.87 5.83
CA ARG A 34 9.90 35.11 6.35
C ARG A 34 10.65 33.79 6.49
N PRO A 35 11.97 33.79 6.29
CA PRO A 35 12.73 32.55 6.40
C PRO A 35 12.59 31.93 7.79
N ILE A 36 12.40 30.61 7.83
CA ILE A 36 12.16 29.88 9.05
C ILE A 36 13.06 28.66 9.07
N ASP A 37 13.63 28.36 10.23
CA ASP A 37 14.48 27.19 10.38
C ASP A 37 13.67 25.91 10.18
N SER A 38 14.33 24.90 9.62
CA SER A 38 13.65 23.64 9.34
C SER A 38 13.19 22.95 10.62
N ASN A 39 14.00 23.00 11.67
CA ASN A 39 13.69 22.34 12.94
C ASN A 39 12.71 23.13 13.81
N THR A 40 12.05 24.16 13.26
CA THR A 40 11.03 24.86 14.03
C THR A 40 9.84 23.95 14.34
N PHE A 41 9.59 22.97 13.48
CA PHE A 41 8.49 22.02 13.62
C PHE A 41 9.02 20.60 13.55
N GLU A 42 10.02 20.31 14.38
CA GLU A 42 10.74 19.04 14.32
C GLU A 42 9.84 17.91 14.81
N MET A 43 9.06 17.35 13.88
CA MET A 43 8.06 16.34 14.19
C MET A 43 7.55 15.80 12.85
N ASN A 44 6.84 14.68 12.92
CA ASN A 44 6.20 14.14 11.74
C ASN A 44 4.83 14.77 11.54
N GLY A 45 4.19 14.42 10.43
CA GLY A 45 2.88 14.97 10.13
C GLY A 45 1.81 14.54 11.13
N LYS A 46 1.93 13.31 11.64
CA LYS A 46 0.96 12.82 12.61
C LYS A 46 0.95 13.67 13.88
N ALA A 47 2.10 14.23 14.24
CA ALA A 47 2.19 15.14 15.39
C ALA A 47 1.85 16.57 15.04
N LEU A 48 2.15 17.00 13.80
CA LEU A 48 1.83 18.36 13.39
C LEU A 48 0.34 18.64 13.44
N LEU A 49 -0.48 17.60 13.30
CA LEU A 49 -1.93 17.74 13.34
C LEU A 49 -2.47 17.85 14.76
N LEU A 50 -1.66 17.55 15.78
CA LEU A 50 -2.09 17.67 17.16
C LEU A 50 -1.76 19.02 17.78
N LEU A 51 -0.97 19.85 17.10
CA LEU A 51 -0.66 21.17 17.61
C LEU A 51 -1.85 22.12 17.42
N THR A 52 -1.99 23.05 18.36
CA THR A 52 -2.99 24.10 18.25
C THR A 52 -2.43 25.25 17.43
N LYS A 53 -3.33 26.14 16.99
CA LYS A 53 -2.90 27.33 16.27
C LYS A 53 -2.04 28.22 17.13
N GLU A 54 -2.29 28.23 18.44
CA GLU A 54 -1.44 28.99 19.36
C GLU A 54 -0.01 28.45 19.36
N ASP A 55 0.14 27.12 19.29
CA ASP A 55 1.47 26.52 19.23
C ASP A 55 2.21 26.95 17.96
N PHE A 56 1.50 27.07 16.85
CA PHE A 56 2.12 27.54 15.61
C PHE A 56 2.67 28.94 15.78
N ARG A 57 1.90 29.83 16.43
CA ARG A 57 2.38 31.19 16.65
C ARG A 57 3.60 31.22 17.55
N TYR A 58 3.62 30.38 18.59
CA TYR A 58 4.76 30.34 19.50
C TYR A 58 6.02 29.88 18.77
N ARG A 59 5.90 28.84 17.94
CA ARG A 59 7.07 28.34 17.21
C ARG A 59 7.50 29.32 16.12
N SER A 60 6.53 29.86 15.37
CA SER A 60 6.80 30.79 14.28
C SER A 60 5.98 32.05 14.51
N PRO A 61 6.52 33.03 15.23
CA PRO A 61 5.77 34.28 15.46
C PRO A 61 5.41 35.00 14.17
N HIS A 62 6.22 34.86 13.13
CA HIS A 62 6.02 35.61 11.90
C HIS A 62 5.12 34.88 10.89
N SER A 63 5.01 33.55 10.98
CA SER A 63 4.22 32.81 10.01
C SER A 63 3.41 31.67 10.63
N GLY A 64 3.33 31.58 11.96
CA GLY A 64 2.65 30.45 12.57
C GLY A 64 1.18 30.38 12.22
N ASP A 65 0.49 31.51 12.30
CA ASP A 65 -0.93 31.53 11.96
C ASP A 65 -1.14 31.20 10.48
N GLU A 66 -0.26 31.71 9.61
CA GLU A 66 -0.38 31.41 8.18
C GLU A 66 -0.15 29.92 7.90
N LEU A 67 0.84 29.32 8.55
CA LEU A 67 1.12 27.91 8.32
C LEU A 67 -0.04 27.04 8.79
N TYR A 68 -0.66 27.40 9.92
CA TYR A 68 -1.78 26.61 10.44
C TYR A 68 -2.95 26.62 9.45
N GLU A 69 -3.35 27.81 8.99
CA GLU A 69 -4.48 27.90 8.07
C GLU A 69 -4.19 27.21 6.75
N LEU A 70 -2.94 27.25 6.31
CA LEU A 70 -2.54 26.54 5.10
C LEU A 70 -2.74 25.03 5.26
N LEU A 71 -2.40 24.50 6.43
CA LEU A 71 -2.57 23.07 6.68
C LEU A 71 -4.04 22.68 6.68
N GLN A 72 -4.91 23.54 7.22
CA GLN A 72 -6.33 23.22 7.27
C GLN A 72 -6.92 23.09 5.87
N HIS A 73 -6.54 23.97 4.95
N HIS A 73 -6.53 23.97 4.95
CA HIS A 73 -7.00 23.86 3.57
CA HIS A 73 -7.00 23.86 3.57
C HIS A 73 -6.47 22.60 2.90
C HIS A 73 -6.47 22.59 2.91
N ILE A 74 -5.24 22.19 3.24
CA ILE A 74 -4.70 20.94 2.73
C ILE A 74 -5.53 19.76 3.26
N LEU A 75 -5.88 19.79 4.55
CA LEU A 75 -6.74 18.76 5.11
C LEU A 75 -8.13 18.79 4.50
N LYS A 76 -8.70 20.00 4.32
CA LYS A 76 -10.05 20.10 3.80
C LYS A 76 -10.13 19.71 2.34
N GLN A 77 -9.07 19.94 1.57
CA GLN A 77 -9.02 19.62 0.14
C GLN A 77 -7.75 18.80 -0.13
N PRO A 78 -7.80 17.49 0.13
CA PRO A 78 -6.63 16.64 -0.14
C PRO A 78 -6.27 16.66 -1.62
N ALA A 79 -4.97 16.63 -1.90
CA ALA A 79 -4.50 16.61 -3.28
C ALA A 79 -4.75 15.24 -3.91
N ALA A 80 -4.78 15.23 -5.24
CA ALA A 80 -4.97 14.02 -6.01
C ALA A 80 -3.62 13.43 -6.41
N GLY A 81 -3.43 12.14 -6.13
CA GLY A 81 -2.18 11.50 -6.49
C GLY A 81 -2.08 11.28 -7.99
N ASP A 82 -0.83 11.22 -8.47
CA ASP A 82 -0.58 10.96 -9.87
C ASP A 82 -1.04 9.56 -10.24
N GLU A 83 -1.77 9.44 -11.36
CA GLU A 83 -2.35 8.16 -11.73
C GLU A 83 -1.28 7.12 -12.03
N LEU A 84 -0.22 7.52 -12.75
CA LEU A 84 0.84 6.57 -13.07
C LEU A 84 1.57 6.11 -11.81
N LYS A 85 1.85 7.04 -10.89
CA LYS A 85 2.46 6.65 -9.62
C LYS A 85 1.52 5.78 -8.79
N ILE A 86 0.22 6.08 -8.82
CA ILE A 86 -0.76 5.22 -8.15
C ILE A 86 -0.84 3.87 -8.87
N ASN A 87 -0.77 3.88 -10.20
CA ASN A 87 -0.75 2.62 -10.95
C ASN A 87 0.46 1.78 -10.55
N ALA A 88 1.64 2.39 -10.49
CA ALA A 88 2.84 1.64 -10.10
C ALA A 88 2.73 1.14 -8.68
N ALA A 89 2.19 1.97 -7.78
CA ALA A 89 2.01 1.55 -6.40
C ALA A 89 1.08 0.35 -6.31
N CYS A 90 0.04 0.32 -7.14
N CYS A 90 0.04 0.31 -7.14
CA CYS A 90 -0.92 -0.79 -7.10
CA CYS A 90 -0.90 -0.80 -7.08
C CYS A 90 -0.27 -2.09 -7.58
C CYS A 90 -0.26 -2.10 -7.57
N ARG A 91 0.55 -2.02 -8.63
CA ARG A 91 1.24 -3.22 -9.12
C ARG A 91 2.27 -3.72 -8.12
N LYS A 92 2.99 -2.82 -7.46
CA LYS A 92 3.99 -3.22 -6.48
C LYS A 92 3.35 -3.91 -5.28
N VAL A 93 2.24 -3.35 -4.77
CA VAL A 93 1.57 -3.98 -3.63
C VAL A 93 0.90 -5.29 -4.06
N GLN A 94 0.31 -5.32 -5.25
CA GLN A 94 -0.32 -6.54 -5.72
C GLN A 94 0.70 -7.66 -5.86
N HIS A 95 1.86 -7.37 -6.44
CA HIS A 95 2.90 -8.38 -6.58
C HIS A 95 3.40 -8.84 -5.22
N MET A 96 3.56 -7.91 -4.27
CA MET A 96 4.06 -8.26 -2.95
C MET A 96 3.10 -9.17 -2.21
N VAL A 97 1.81 -8.81 -2.18
CA VAL A 97 0.84 -9.54 -1.38
C VAL A 97 0.59 -10.93 -1.96
N VAL A 98 0.40 -11.02 -3.28
CA VAL A 98 0.08 -12.30 -3.90
C VAL A 98 1.28 -13.24 -3.83
N LYS A 99 2.49 -12.72 -4.08
CA LYS A 99 3.69 -13.55 -3.99
C LYS A 99 3.88 -14.10 -2.58
N ALA A 100 3.67 -13.26 -1.56
CA ALA A 100 3.80 -13.71 -0.19
C ALA A 100 2.73 -14.75 0.15
N ALA A 101 1.49 -14.53 -0.28
CA ALA A 101 0.41 -15.46 0.04
C ALA A 101 0.66 -16.83 -0.60
N LEU A 102 1.15 -16.85 -1.83
CA LEU A 102 1.43 -18.12 -2.50
C LEU A 102 2.58 -18.87 -1.82
N LEU A 103 3.57 -18.14 -1.31
CA LEU A 103 4.66 -18.80 -0.60
C LEU A 103 4.24 -19.26 0.79
N ALA A 104 3.36 -18.50 1.45
CA ALA A 104 2.97 -18.83 2.81
C ALA A 104 2.12 -20.09 2.88
N ASP A 105 1.13 -20.20 2.00
CA ASP A 105 0.16 -21.29 2.06
C ASP A 105 0.22 -22.24 0.87
N LYS A 106 1.03 -21.94 -0.15
CA LYS A 106 1.32 -22.87 -1.24
C LYS A 106 0.05 -23.38 -1.92
N PHE A 107 -0.78 -22.45 -2.36
CA PHE A 107 -2.01 -22.81 -3.06
C PHE A 107 -1.67 -23.48 -4.39
N PRO A 108 -2.30 -24.61 -4.71
CA PRO A 108 -2.00 -25.27 -6.00
C PRO A 108 -2.53 -24.53 -7.21
N VAL A 109 -3.57 -23.71 -7.06
CA VAL A 109 -4.19 -23.03 -8.18
C VAL A 109 -4.64 -21.64 -7.72
N LEU A 110 -4.52 -20.66 -8.61
CA LEU A 110 -4.97 -19.29 -8.34
C LEU A 110 -6.07 -18.94 -9.33
N HIS A 111 -7.19 -18.43 -8.82
CA HIS A 111 -8.31 -18.00 -9.64
C HIS A 111 -8.32 -16.47 -9.68
N ASP A 112 -7.77 -15.91 -10.76
CA ASP A 112 -7.73 -14.46 -10.93
C ASP A 112 -9.07 -14.02 -11.52
N ILE A 113 -9.92 -13.44 -10.68
CA ILE A 113 -11.26 -13.02 -11.06
C ILE A 113 -11.27 -11.51 -11.19
N GLY A 114 -11.67 -11.02 -12.36
CA GLY A 114 -11.55 -9.62 -12.68
C GLY A 114 -10.33 -9.24 -13.47
N ASN A 115 -9.63 -10.20 -14.07
CA ASN A 115 -8.43 -9.92 -14.84
C ASN A 115 -8.75 -10.02 -16.32
N PRO A 116 -8.86 -8.91 -17.04
CA PRO A 116 -9.23 -8.97 -18.47
C PRO A 116 -8.07 -9.07 -19.44
N LYS A 117 -6.83 -8.99 -18.97
CA LYS A 117 -5.66 -9.00 -19.84
C LYS A 117 -4.81 -10.25 -19.69
N ALA A 118 -5.21 -11.19 -18.82
CA ALA A 118 -4.50 -12.45 -18.63
C ALA A 118 -3.03 -12.23 -18.30
N ILE A 119 -2.78 -11.35 -17.34
CA ILE A 119 -1.43 -11.03 -16.89
C ILE A 119 -1.29 -11.51 -15.44
N LYS A 120 -0.28 -12.35 -15.21
CA LYS A 120 0.02 -12.78 -13.85
C LYS A 120 0.84 -11.71 -13.14
N CYS A 121 0.41 -11.33 -11.94
CA CYS A 121 1.21 -10.41 -11.14
C CYS A 121 2.40 -11.10 -10.50
N VAL A 122 2.39 -12.44 -10.47
CA VAL A 122 3.49 -13.22 -9.92
C VAL A 122 3.83 -14.31 -10.93
N PRO A 123 4.48 -13.97 -12.04
CA PRO A 123 4.71 -14.96 -13.10
C PRO A 123 5.60 -16.12 -12.69
N GLN A 124 6.48 -15.93 -11.71
CA GLN A 124 7.38 -16.98 -11.27
C GLN A 124 6.81 -17.81 -10.12
N ALA A 125 5.48 -17.76 -9.93
CA ALA A 125 4.88 -18.33 -8.72
C ALA A 125 4.87 -19.85 -8.71
N ASP A 126 4.95 -20.50 -9.87
CA ASP A 126 4.79 -21.95 -9.99
C ASP A 126 3.44 -22.38 -9.41
N VAL A 127 2.40 -21.94 -10.10
CA VAL A 127 1.02 -22.23 -9.71
C VAL A 127 0.16 -22.18 -10.97
N GLU A 128 -0.89 -23.02 -10.98
CA GLU A 128 -1.87 -22.96 -12.06
C GLU A 128 -2.62 -21.63 -11.97
N TRP A 129 -2.45 -20.79 -12.98
CA TRP A 129 -3.09 -19.48 -13.01
C TRP A 129 -4.30 -19.54 -13.93
N LYS A 130 -5.46 -19.20 -13.39
CA LYS A 130 -6.72 -19.17 -14.13
C LYS A 130 -7.24 -17.75 -14.18
N PHE A 131 -7.77 -17.34 -15.33
CA PHE A 131 -8.25 -15.99 -15.54
C PHE A 131 -9.75 -16.00 -15.79
N TYR A 132 -10.45 -15.08 -15.13
CA TYR A 132 -11.89 -14.90 -15.29
C TYR A 132 -12.20 -13.42 -15.36
N ASP A 133 -13.17 -13.04 -16.18
CA ASP A 133 -13.60 -11.66 -16.27
C ASP A 133 -14.96 -11.60 -16.98
N ALA A 134 -15.78 -10.63 -16.55
CA ALA A 134 -17.08 -10.44 -17.20
C ALA A 134 -16.92 -9.95 -18.64
N GLN A 135 -15.94 -9.07 -18.88
CA GLN A 135 -15.70 -8.51 -20.20
C GLN A 135 -14.22 -8.68 -20.53
N PRO A 136 -13.82 -9.88 -20.96
CA PRO A 136 -12.41 -10.10 -21.33
C PRO A 136 -12.03 -9.26 -22.54
N CYS A 137 -10.76 -8.85 -22.55
CA CYS A 137 -10.23 -8.15 -23.72
C CYS A 137 -10.22 -9.08 -24.92
N SER A 138 -10.45 -8.49 -26.10
CA SER A 138 -10.58 -9.30 -27.31
C SER A 138 -9.27 -10.03 -27.64
N ASP A 139 -8.13 -9.40 -27.35
CA ASP A 139 -6.84 -10.00 -27.66
C ASP A 139 -6.39 -11.01 -26.62
N LYS A 140 -7.12 -11.15 -25.51
CA LYS A 140 -6.78 -12.11 -24.46
C LYS A 140 -7.91 -13.06 -24.11
N ALA A 141 -9.08 -12.94 -24.75
CA ALA A 141 -10.24 -13.75 -24.39
C ALA A 141 -10.03 -15.23 -24.65
N TYR A 142 -9.10 -15.60 -25.52
CA TYR A 142 -8.87 -17.00 -25.84
C TYR A 142 -8.37 -17.79 -24.63
N LYS A 143 -7.75 -17.12 -23.65
CA LYS A 143 -7.27 -17.78 -22.44
C LYS A 143 -7.90 -17.18 -21.19
N ILE A 144 -9.11 -16.62 -21.32
CA ILE A 144 -9.85 -16.05 -20.21
C ILE A 144 -11.27 -16.59 -20.26
N GLU A 145 -11.74 -17.12 -19.13
CA GLU A 145 -13.12 -17.57 -19.02
C GLU A 145 -14.04 -16.37 -18.83
N GLU A 146 -15.05 -16.25 -19.68
CA GLU A 146 -16.02 -15.16 -19.58
C GLU A 146 -17.00 -15.51 -18.47
N LEU A 147 -16.98 -14.73 -17.39
CA LEU A 147 -17.79 -15.03 -16.22
C LEU A 147 -17.97 -13.77 -15.39
N PHE A 148 -19.20 -13.56 -14.92
CA PHE A 148 -19.52 -12.49 -13.98
C PHE A 148 -19.73 -13.13 -12.61
N TYR A 149 -18.79 -12.88 -11.69
CA TYR A 149 -18.84 -13.54 -10.40
C TYR A 149 -19.95 -12.96 -9.53
N SER A 150 -20.78 -13.84 -8.98
CA SER A 150 -21.74 -13.48 -7.95
C SER A 150 -21.66 -14.55 -6.85
N TYR A 151 -21.66 -14.11 -5.60
CA TYR A 151 -21.51 -15.04 -4.49
C TYR A 151 -22.69 -16.02 -4.44
N ALA A 152 -23.90 -15.52 -4.70
CA ALA A 152 -25.07 -16.38 -4.69
C ALA A 152 -25.02 -17.45 -5.78
N THR A 153 -24.17 -17.28 -6.78
CA THR A 153 -24.07 -18.22 -7.90
C THR A 153 -22.84 -19.12 -7.81
N HIS A 154 -21.71 -18.61 -7.32
CA HIS A 154 -20.44 -19.32 -7.41
C HIS A 154 -19.80 -19.63 -6.06
N SER A 155 -20.52 -19.48 -4.94
CA SER A 155 -19.91 -19.72 -3.64
C SER A 155 -19.47 -21.17 -3.47
N ASP A 156 -20.03 -22.09 -4.26
N ASP A 156 -20.03 -22.09 -4.26
CA ASP A 156 -19.61 -23.48 -4.25
CA ASP A 156 -19.60 -23.49 -4.26
C ASP A 156 -18.52 -23.76 -5.29
C ASP A 156 -18.53 -23.76 -5.29
N LYS A 157 -18.07 -22.75 -6.02
CA LYS A 157 -17.05 -22.89 -7.05
C LYS A 157 -15.76 -22.21 -6.61
N PHE A 158 -14.67 -22.57 -7.29
CA PHE A 158 -13.34 -22.05 -6.99
C PHE A 158 -12.93 -22.34 -5.55
N THR A 159 -13.37 -23.48 -5.01
CA THR A 159 -13.05 -23.82 -3.63
C THR A 159 -11.59 -24.21 -3.47
N ASP A 160 -10.97 -24.73 -4.53
CA ASP A 160 -9.56 -25.10 -4.47
C ASP A 160 -8.67 -23.88 -4.66
N GLY A 161 -7.49 -23.95 -4.06
CA GLY A 161 -6.52 -22.87 -4.20
C GLY A 161 -7.01 -21.58 -3.57
N VAL A 162 -6.63 -20.47 -4.19
CA VAL A 162 -6.98 -19.14 -3.69
C VAL A 162 -7.58 -18.34 -4.84
N CYS A 163 -8.43 -17.38 -4.48
CA CYS A 163 -9.06 -16.48 -5.45
C CYS A 163 -8.47 -15.08 -5.30
N LEU A 164 -8.27 -14.41 -6.42
CA LEU A 164 -7.72 -13.06 -6.45
C LEU A 164 -8.78 -12.11 -7.00
N PHE A 165 -9.25 -11.21 -6.14
CA PHE A 165 -10.16 -10.13 -6.54
C PHE A 165 -9.42 -8.82 -6.34
N TRP A 166 -8.63 -8.44 -7.35
CA TRP A 166 -7.85 -7.19 -7.28
C TRP A 166 -8.66 -6.12 -8.00
N ASN A 167 -9.29 -5.24 -7.21
CA ASN A 167 -10.15 -4.18 -7.73
C ASN A 167 -11.28 -4.76 -8.59
N CYS A 168 -11.80 -5.91 -8.16
CA CYS A 168 -12.95 -6.55 -8.79
C CYS A 168 -14.08 -6.53 -7.76
N ASN A 169 -14.85 -5.45 -7.76
CA ASN A 169 -15.89 -5.23 -6.76
C ASN A 169 -17.06 -6.16 -7.02
N VAL A 170 -17.14 -7.24 -6.25
CA VAL A 170 -18.25 -8.19 -6.35
C VAL A 170 -19.12 -8.04 -5.11
N ASP A 171 -20.27 -8.73 -5.12
CA ASP A 171 -21.23 -8.59 -4.03
C ASP A 171 -20.66 -9.10 -2.71
N ARG A 172 -19.95 -10.24 -2.75
CA ARG A 172 -19.41 -10.83 -1.54
C ARG A 172 -18.30 -11.80 -1.91
N TYR A 173 -17.14 -11.64 -1.27
CA TYR A 173 -15.97 -12.46 -1.60
C TYR A 173 -16.03 -13.80 -0.89
N PRO A 174 -15.57 -14.87 -1.55
CA PRO A 174 -15.48 -16.17 -0.88
C PRO A 174 -14.35 -16.18 0.15
N ALA A 175 -14.31 -17.26 0.93
CA ALA A 175 -13.38 -17.34 2.05
C ALA A 175 -11.93 -17.33 1.58
N ASN A 176 -11.61 -18.06 0.52
CA ASN A 176 -10.23 -18.19 0.04
C ASN A 176 -9.95 -17.10 -1.00
N SER A 177 -9.85 -15.87 -0.51
CA SER A 177 -9.75 -14.70 -1.38
C SER A 177 -8.59 -13.81 -1.00
N ILE A 178 -8.05 -13.13 -2.00
CA ILE A 178 -7.12 -12.01 -1.83
C ILE A 178 -7.74 -10.82 -2.54
N VAL A 179 -7.98 -9.74 -1.81
CA VAL A 179 -8.88 -8.68 -2.24
C VAL A 179 -8.24 -7.31 -2.08
N CYS A 180 -8.45 -6.46 -3.07
CA CYS A 180 -8.18 -5.02 -2.98
C CYS A 180 -9.41 -4.29 -3.49
N ARG A 181 -9.86 -3.28 -2.74
CA ARG A 181 -11.07 -2.55 -3.10
C ARG A 181 -10.88 -1.07 -2.77
N PHE A 182 -11.50 -0.22 -3.58
CA PHE A 182 -11.39 1.22 -3.40
C PHE A 182 -12.55 1.76 -2.57
N SER A 215 -19.66 -5.42 4.72
CA SER A 215 -20.58 -6.56 4.60
C SER A 215 -20.11 -7.53 3.53
N ALA A 216 -19.40 -7.00 2.53
CA ALA A 216 -18.86 -7.85 1.47
C ALA A 216 -17.64 -8.63 1.91
N PHE A 217 -16.98 -8.22 3.01
CA PHE A 217 -15.77 -8.86 3.49
C PHE A 217 -16.01 -9.75 4.71
N VAL A 218 -17.23 -10.23 4.88
CA VAL A 218 -17.57 -10.97 6.10
C VAL A 218 -16.78 -12.26 6.22
N ASN A 219 -16.39 -12.85 5.10
CA ASN A 219 -15.60 -14.09 5.11
C ASN A 219 -14.10 -13.84 5.25
N LEU A 220 -13.66 -12.59 5.26
CA LEU A 220 -12.25 -12.25 5.23
C LEU A 220 -11.86 -11.44 6.46
N LYS A 221 -10.59 -11.07 6.51
CA LYS A 221 -10.05 -10.19 7.54
C LYS A 221 -9.18 -9.14 6.87
N GLN A 222 -9.00 -8.01 7.57
CA GLN A 222 -8.15 -6.96 7.03
C GLN A 222 -6.70 -7.44 6.94
N LEU A 223 -6.02 -7.00 5.88
CA LEU A 223 -4.63 -7.40 5.66
C LEU A 223 -3.71 -6.36 6.28
N PRO A 224 -2.99 -6.67 7.35
CA PRO A 224 -2.05 -5.69 7.91
C PRO A 224 -0.84 -5.50 7.01
N PHE A 225 -0.22 -4.34 7.16
CA PHE A 225 0.97 -4.02 6.37
C PHE A 225 2.11 -4.96 6.71
N PHE A 226 2.84 -5.38 5.68
CA PHE A 226 4.05 -6.17 5.86
C PHE A 226 4.90 -6.04 4.60
N TYR A 227 6.18 -6.35 4.74
CA TYR A 227 7.11 -6.41 3.63
C TYR A 227 7.85 -7.73 3.69
N TYR A 228 7.84 -8.47 2.58
CA TYR A 228 8.53 -9.75 2.48
C TYR A 228 9.47 -9.73 1.29
N SER A 229 10.70 -10.21 1.50
CA SER A 229 11.68 -10.31 0.42
C SER A 229 12.57 -11.51 0.67
N ASP A 230 12.70 -12.36 -0.36
CA ASP A 230 13.63 -13.47 -0.35
C ASP A 230 14.89 -13.17 -1.15
N SER A 231 15.04 -11.94 -1.63
CA SER A 231 16.22 -11.56 -2.39
C SER A 231 17.45 -11.52 -1.48
N PRO A 232 18.64 -11.72 -2.05
CA PRO A 232 19.85 -11.71 -1.22
C PRO A 232 20.13 -10.36 -0.60
N CYS A 233 20.79 -10.38 0.56
CA CYS A 233 21.10 -9.17 1.31
C CYS A 233 22.40 -8.55 0.81
N GLU A 234 22.48 -7.22 0.94
CA GLU A 234 23.65 -6.46 0.51
C GLU A 234 23.93 -5.35 1.51
N SER A 235 25.18 -5.22 1.92
CA SER A 235 25.59 -4.16 2.84
C SER A 235 25.85 -2.84 2.14
N HIS A 236 25.97 -2.84 0.82
CA HIS A 236 26.20 -1.61 0.05
C HIS A 236 25.92 -1.87 -1.44
N VAL A 247 20.00 5.16 8.06
CA VAL A 247 19.28 5.00 9.31
C VAL A 247 18.95 3.53 9.55
N PRO A 248 19.34 3.00 10.71
CA PRO A 248 19.01 1.61 11.03
C PRO A 248 17.50 1.41 11.11
N LEU A 249 17.00 0.48 10.30
CA LEU A 249 15.57 0.21 10.22
C LEU A 249 15.15 -0.71 11.36
N LYS A 250 14.23 -0.22 12.19
CA LYS A 250 13.67 -1.00 13.29
C LYS A 250 12.18 -1.16 13.05
N SER A 251 11.76 -2.38 12.71
CA SER A 251 10.37 -2.65 12.41
C SER A 251 10.14 -4.16 12.42
N ALA A 252 9.05 -4.59 13.03
CA ALA A 252 8.69 -6.00 13.06
C ALA A 252 8.00 -6.47 11.79
N THR A 253 7.61 -5.56 10.91
CA THR A 253 6.91 -5.90 9.68
C THR A 253 7.87 -6.09 8.50
N CYS A 254 9.17 -5.98 8.71
CA CYS A 254 10.16 -6.22 7.66
C CYS A 254 10.53 -7.70 7.70
N ILE A 255 9.82 -8.50 6.91
CA ILE A 255 10.03 -9.95 6.88
C ILE A 255 11.14 -10.21 5.87
N THR A 256 12.38 -10.15 6.34
CA THR A 256 13.55 -10.45 5.53
C THR A 256 14.49 -11.35 6.32
N ARG A 257 15.34 -12.08 5.59
N ARG A 257 15.34 -12.07 5.58
CA ARG A 257 16.27 -12.99 6.23
CA ARG A 257 16.28 -12.99 6.20
C ARG A 257 17.24 -12.23 7.15
C ARG A 257 17.26 -12.24 7.12
N CYS A 258 17.65 -11.03 6.73
CA CYS A 258 18.55 -10.23 7.55
C CYS A 258 17.90 -9.71 8.82
N ASN A 259 16.56 -9.63 8.86
CA ASN A 259 15.85 -9.13 10.03
C ASN A 259 15.59 -10.20 11.08
N LEU A 260 15.99 -11.46 10.83
CA LEU A 260 15.88 -12.48 11.85
C LEU A 260 16.67 -12.10 13.10
N GLY A 261 17.83 -11.49 12.91
CA GLY A 261 18.63 -10.96 14.01
C GLY A 261 18.44 -9.48 14.27
N GLY A 262 17.51 -8.82 13.57
CA GLY A 262 17.25 -7.42 13.79
C GLY A 262 18.16 -6.46 13.04
N ALA A 263 19.09 -6.96 12.24
CA ALA A 263 20.04 -6.12 11.51
C ALA A 263 19.65 -6.15 10.03
N VAL A 264 18.74 -5.26 9.65
CA VAL A 264 18.30 -5.17 8.26
C VAL A 264 19.41 -4.54 7.42
N CYS A 265 19.78 -5.20 6.33
CA CYS A 265 20.83 -4.71 5.47
C CYS A 265 20.36 -3.45 4.72
N ARG A 266 21.31 -2.79 4.07
CA ARG A 266 21.01 -1.56 3.35
C ARG A 266 20.03 -1.80 2.21
N HIS A 267 20.20 -2.92 1.49
CA HIS A 267 19.34 -3.21 0.35
C HIS A 267 17.89 -3.37 0.76
N HIS A 268 17.63 -4.18 1.79
CA HIS A 268 16.26 -4.43 2.22
C HIS A 268 15.66 -3.24 2.97
N ALA A 269 16.50 -2.43 3.62
CA ALA A 269 16.00 -1.22 4.25
C ALA A 269 15.49 -0.22 3.22
N ASN A 270 16.22 -0.06 2.11
CA ASN A 270 15.78 0.84 1.05
C ASN A 270 14.54 0.29 0.34
N GLU A 271 14.52 -1.01 0.07
CA GLU A 271 13.35 -1.63 -0.56
C GLU A 271 12.13 -1.55 0.36
N TYR A 272 12.34 -1.72 1.67
CA TYR A 272 11.24 -1.61 2.61
C TYR A 272 10.62 -0.20 2.58
N ARG A 273 11.46 0.83 2.55
CA ARG A 273 10.95 2.19 2.57
C ARG A 273 10.30 2.59 1.25
N LEU A 274 10.83 2.09 0.13
CA LEU A 274 10.17 2.31 -1.15
C LEU A 274 8.80 1.64 -1.18
N TYR A 275 8.71 0.42 -0.65
CA TYR A 275 7.41 -0.26 -0.60
C TYR A 275 6.44 0.44 0.34
N LEU A 276 6.94 0.96 1.47
CA LEU A 276 6.07 1.65 2.41
C LEU A 276 5.45 2.90 1.78
N ASP A 277 6.24 3.61 0.96
CA ASP A 277 5.68 4.76 0.25
C ASP A 277 4.58 4.33 -0.71
N ALA A 278 4.80 3.23 -1.44
CA ALA A 278 3.76 2.72 -2.34
C ALA A 278 2.53 2.26 -1.56
N TYR A 279 2.74 1.60 -0.43
CA TYR A 279 1.61 1.17 0.39
C TYR A 279 0.83 2.36 0.92
N ASN A 280 1.54 3.36 1.45
CA ASN A 280 0.88 4.56 1.97
C ASN A 280 0.18 5.33 0.86
N MET A 281 0.82 5.42 -0.31
CA MET A 281 0.19 6.11 -1.43
C MET A 281 -1.09 5.43 -1.87
N MET A 282 -1.16 4.11 -1.73
CA MET A 282 -2.36 3.37 -2.11
C MET A 282 -3.45 3.47 -1.03
N ILE A 283 -3.05 3.39 0.24
CA ILE A 283 -4.02 3.54 1.33
C ILE A 283 -4.60 4.94 1.35
N SER A 284 -3.75 5.95 1.08
CA SER A 284 -4.24 7.33 1.02
C SER A 284 -5.25 7.52 -0.11
N ALA A 285 -5.15 6.71 -1.17
CA ALA A 285 -6.05 6.82 -2.30
C ALA A 285 -7.38 6.11 -2.08
N GLY A 286 -7.61 5.54 -0.90
CA GLY A 286 -8.86 4.90 -0.59
C GLY A 286 -8.91 3.41 -0.84
N PHE A 287 -7.77 2.76 -1.06
CA PHE A 287 -7.74 1.32 -1.26
C PHE A 287 -7.55 0.60 0.07
N SER A 288 -8.20 -0.56 0.20
CA SER A 288 -8.08 -1.39 1.38
C SER A 288 -7.78 -2.83 0.96
N LEU A 289 -7.04 -3.54 1.79
CA LEU A 289 -6.59 -4.89 1.50
C LEU A 289 -7.23 -5.88 2.46
N TRP A 290 -7.76 -6.97 1.92
CA TRP A 290 -8.40 -8.02 2.70
C TRP A 290 -7.86 -9.38 2.25
N VAL A 291 -7.84 -10.33 3.19
CA VAL A 291 -7.21 -11.62 2.97
C VAL A 291 -8.01 -12.70 3.69
N TYR A 292 -7.76 -13.95 3.30
CA TYR A 292 -8.35 -15.09 3.98
C TYR A 292 -7.86 -15.15 5.42
N LYS A 293 -8.72 -15.67 6.30
CA LYS A 293 -8.50 -15.53 7.74
C LYS A 293 -7.28 -16.30 8.23
N GLN A 294 -6.91 -17.39 7.56
CA GLN A 294 -5.77 -18.19 8.01
C GLN A 294 -4.43 -17.64 7.53
N PHE A 295 -4.41 -16.45 6.94
CA PHE A 295 -3.15 -15.83 6.55
C PHE A 295 -2.32 -15.51 7.78
N ASP A 296 -1.07 -15.96 7.78
CA ASP A 296 -0.18 -15.81 8.94
C ASP A 296 1.19 -15.40 8.45
N THR A 297 1.70 -14.29 8.98
CA THR A 297 3.02 -13.82 8.58
C THR A 297 4.13 -14.75 9.05
N TYR A 298 3.89 -15.58 10.07
CA TYR A 298 4.91 -16.52 10.53
C TYR A 298 5.22 -17.59 9.50
N ASN A 299 4.29 -17.88 8.58
CA ASN A 299 4.61 -18.76 7.45
C ASN A 299 5.68 -18.14 6.57
N LEU A 300 5.75 -16.82 6.51
CA LEU A 300 6.78 -16.16 5.71
C LEU A 300 8.14 -16.23 6.41
N TRP A 301 8.16 -16.11 7.74
CA TRP A 301 9.42 -16.26 8.47
C TRP A 301 9.98 -17.67 8.34
N ASN A 302 9.10 -18.68 8.29
CA ASN A 302 9.53 -20.07 8.14
C ASN A 302 10.15 -20.35 6.78
N THR A 303 9.96 -19.47 5.79
CA THR A 303 10.58 -19.65 4.48
C THR A 303 12.09 -19.43 4.51
N PHE A 304 12.62 -18.83 5.59
CA PHE A 304 14.05 -18.56 5.69
C PHE A 304 14.83 -19.69 6.36
N THR A 305 14.16 -20.72 6.87
CA THR A 305 14.84 -21.83 7.51
C THR A 305 14.92 -23.04 6.57
C4 6NR B . -15.72 -8.58 -13.06
C5 6NR B . -16.87 -8.47 -12.24
C6 6NR B . -17.50 -9.70 -11.88
N1 6NR B . -16.97 -10.85 -12.36
C7 6NR B . -17.06 -7.08 -11.99
C8 6NR B . -16.04 -6.41 -12.64
N3 6NR B . -15.20 -9.73 -13.53
OXT 6NR B . -6.01 -4.45 -12.87
C 6NR B . -6.40 -5.38 -12.18
O 6NR B . -5.76 -5.84 -11.15
CA 6NR B . -7.71 -6.12 -12.46
N 6NR B . -7.85 -7.26 -11.53
CB 6NR B . -8.91 -5.19 -12.34
CG 6NR B . -9.24 -4.46 -13.64
SD 6NR B . -10.71 -3.40 -13.58
C5' 6NR B . -11.97 -4.49 -12.84
C4' 6NR B . -12.16 -5.64 -13.81
C3' 6NR B . -12.78 -5.31 -15.16
O3' 6NR B . -12.11 -5.98 -16.22
C2' 6NR B . -14.23 -5.80 -15.02
O2' 6NR B . -14.77 -6.24 -16.25
O4' 6NR B . -13.00 -6.62 -13.19
C1' 6NR B . -14.04 -6.99 -14.07
N9 6NR B . -15.23 -7.32 -13.29
C2 6NR B . -15.89 -10.80 -13.13
CN 6NR B . -18.08 -6.44 -11.22
NN 6NR B . -18.88 -5.87 -10.62
N6 6NR B . -18.57 -9.77 -11.10
ZN ZN C . 18.70 -8.21 3.91
#